data_1NJN
#
_entry.id   1NJN
#
_cell.length_a   169.1
_cell.length_b   409.9
_cell.length_c   696.3
_cell.angle_alpha   90
_cell.angle_beta   90
_cell.angle_gamma   90
#
_symmetry.space_group_name_H-M   'I 2 2 2'
#
loop_
_entity.id
_entity.type
_entity.pdbx_description
1 polymer '23S ribosomal RNA'
2 non-polymer SPARSOMYCIN
#
_entity_poly.entity_id   1
_entity_poly.type   'polyribonucleotide'
_entity_poly.pdbx_seq_one_letter_code
;GGUCAAGAUAGUAAGGGUCCACGGUGGAUGCCCUGGCGCUGGAGCCGAUGAAGGACGCGAUUACCUGCGAAAAGCCCCGA
CGAGCUGGAGAUACGCUUUGACUCGGGGAUGUCCGAAUGGGGAAACCCACCUCGUAAGAGGUAUCCGCAAGGAUGGGAAC
UCAGGGAACUGAAACAUCUCAGUACCUGAAGGAGAAGAAAGAGAAUUCGAUUCCGUUAGUAGCGGCGAGCGAACCCGGAU
CAGCCCAAACCGAAACGCUUGCGUUUCGGGGUUGUAGGACCAGUUUUUAAGAUUCAACCCCUCAAGCCGAAGUGGCUGGA
AAGCUACACCUCAGAAGGUGAGAGUCCUGUAGGCGAACGAGCGGUUGACUGUACUGGCACCUGAGUAGGUCGUUGUUCGU
GAAACGAUGACUGAAUCCGCGCGGACCACCGCGCAAGGCUAAAUACUCCCAGUGACCGAUAGCGCAUAGUACCGUGAGGG
AAAGGUGAAAAGAACCCCGGGAGGGGAGUGAAAGAGAACCUGAAACCGUGGACUUACAAGCAGUCAUGGCACCUUAUGCG
UGUUAUGGCGUGCCUAUUGAAGCAUGAGCCGGCGACUUAGACCUGACGUGCGAGCUUAAGUUGAAAAACGGAGGCGGAGC
GAAAGCGAGUCCGAAUAGGGCGGCAUUAGUACGUCGGGCUAGACUCGAAACCAGGUGAGCUAAGCAUGACCAGGUUGAAA
CCCCCGUGACAGGGGGCGGAGGACCGAACCGGUGCCUGCUGAAACAGUCUCGGAUGAGUUGUGUUUAGGAGUGAAAAGCU
AACCGAACCUGGAGAUAGCUAGUUCUCCCCGAAAUGUAUUGAGGUACAGCCUCGGAUGUUGACCAUGUCCUGUAGAGCAC
UCACAAGGCUAGGGGGCCUACCAGCUUACCAAACCUUAUGAAACUCCGAAGGGGCACGCGUUUAGUCCGGGAGUGAGGCU
GCGAGAGCUAACUUCCGUAGCCGAGAGGGAAACAACCCAGACCAUCAGCUAAGGUCCCUAAAUGAUCGCUCAGUGGUUAA
GGAUGUGUCGUCGCAUAGACAGCCAGGAGGUUGGCUUAGAAGCAGCCACCCUUCAAAGAGUGCGUAAUAGCUCACUGGUC
GAGUGACGAUGCGCCGAAAAUGAUCGGGGCUCAAGUGAUCUACCGAAGCUAUGGAUUCAACUCGCGAAGCGAGUUGUCUG
GUAGGGGAGCGUUCAGUCCGCGGAGAAGCCAUACCGGAAGGAGUGGUGGAGCCGACUGAAGUGCGGAUGCCGGCAUGAGU
AACGAUAAAAGAAGUGAGAAUCUUCUUCGCCGUAAGGACAAGGGUUCCUGGGGAAGGGUCGUCCGCCCAGGGAAAGUCGG
GACCUAAGGUGAGGCCGAACGGCGCAGCCGAUGGACAGCAGGUCAAGAUUCCUGCACCGAUCAUGUGGAGUGAUGGAGGG
ACGCAUUACGCUAUCCAAUGCCAAGCUAUGGCUAUGCUGGUUGGUACGCUCAAGGGCGAUCGGGUCAGAAAAUCUACCGG
UCACAUGCCUCAGACGUAUCGGGAGCUUCCUCGGAAGCGAAGUUGGAAACGCGACGGUGCCAAGAAAAGCUUCUAAACGU
UGAAACAUGAUUGCCCGUACCGCAAACCGACACAGGUGUCCGAGUGUCAAUGCACUAAGGCGCGCGAGAGAACCCUCGUU
AAGGAACUUUGCAAUCUCACCCCGUAACUUCGGAAGAAGGGGUCCCCACGCUUCGCGUGGGGCGCAGUGAAUAGGCCCAG
GCGACUGUUUACCAAAAUCACAGCACUCUGCCAACACGAACAGUGGACGUAUAGGGUGUGACGCCUGCCCGGUGCCGGAA
GGUCAAGUGGAGCGGUGCAAGCUGCGAAAUGAAGCCCCGGUGAACGGCGGCCGUAACUAUAACGGUCCUAAGGUAGCGAA
AUUCCUUGUCGGGUAAGUUCCGACCUGCACGAAAGGCGUAACGAUCUGGGCGCUGUCUCAACGAGGGACUCGGUGAAAUU
GAAUUGGCUGUAAAGAUGCGGCCUACCCGUAGCAGGACGAAAAGACCCCGUGGAGCUUUACUAUAGUCUGGCAUUGGGAU
UCGGGUUUCUCUGCGUAGGAUAGGUGGGAGCCUGCGAAACUGGCCUUUUGGGGUCGGUGGAGGCAACGGUGAAAUACCAC
CCUGAGAAACUUGGAUUUCUAACCUGAAAAAUCACUUUCGGGGACCGUGCUUGGCGGGUAGUUUGACUGGGGCGGUCGCC
UCCCAAAAUGUAACGGAGGCGCCCAAAGGUCACCUCAAGACGGUUGGAAAUCGUCUGUAGAGCGCAAAGGUAGAAGGUGG
CUUGACUGCGAGACUGACACGUCGAGCAGGGAGGAAACUCGGGCUUAGUGAACCGGUGGUACCGUGUGGAAGGGCCAUCG
AUCAACGGAUAAAAGUUACCCCGGGGAUAACAGGCUGAUCUCCCCCGAGAGUCCAUAUCGGCGGGGAGGUUUGGCACCUC
GAUGUCGGCUCGUCGCAUCCUGGGGCUGAAGAAGGUCCCAAGGGUUGGGCUGUUCGCCCAUUAAAGCGGCACGCGAGCUG
GGUUCAGAACGUCGUGAGACAGUUCGGUCUCUAUCCGCUACGGGCGCAGGAGAAUUGAGGGGAGUUGCUCCUAGUACGAG
AGGACCGGAGUGAACGGACCGCUGGUCUCCCUGCUGUCGUACCAACGGCACAUGCAGGGUAGCUAUGUCCGGAACGGAUA
ACCGCUGAAAGCAUCUAAGCGGGAAGCCAGCCCCAAGAUGAGUUCUCCCACUGUUUAUCAGGUAAGACUCCCGGAAGACC
ACCGGGUUAAGAGGCCAGGCGUGCACGCAUAGCAAUGUGUUCAGCGGACUGGUGCUCAUCAGUCGAGGUCUUGACCACUC
;
_entity_poly.pdbx_strand_id   0
#